data_4DJ9
#
_entry.id   4DJ9
#
_cell.length_a   33.540
_cell.length_b   68.160
_cell.length_c   137.600
_cell.angle_alpha   90.00
_cell.angle_beta   90.00
_cell.angle_gamma   90.00
#
_symmetry.space_group_name_H-M   'P 21 21 21'
#
loop_
_entity.id
_entity.type
_entity.pdbx_description
1 polymer Vinculin
2 polymer Talin-1
3 water water
#
loop_
_entity_poly.entity_id
_entity_poly.type
_entity_poly.pdbx_seq_one_letter_code
_entity_poly.pdbx_strand_id
1 'polypeptide(L)'
;MPVFHTRTIESILEPVAQQISHLVIMHEEGEVDGKAIPDLTAPVAAVQAAVSNLVRVGKETVQTTEDQILKRDMPPAFIK
VENACTKLVQAAQMLQSDPYSVPARDYLIDGSRGILSGTSDLLLTFDEAEVRKIIRVCKGILEYLTVAEVVETMEDLVTY
TKNLGPGMTKMAKMIDERQQELTHQEHRVMLVNSMNTVKELLPVLISAMKIFVTTKNSKNQGIEEALKNRNFTVEKMSAE
INEIIRVLQLTSWDEDAW
;
A
2 'polypeptide(L)' ETQVVLINAVKDVAKALGDLISATKAAAG B
#
# COMPACT_ATOMS: atom_id res chain seq x y z
N VAL A 3 6.56 -1.16 11.54
CA VAL A 3 6.89 0.21 11.17
C VAL A 3 6.37 0.60 9.80
N PHE A 4 6.40 -0.37 8.87
CA PHE A 4 5.95 -0.27 7.50
C PHE A 4 4.87 -1.35 7.34
N HIS A 5 3.67 -0.94 6.89
CA HIS A 5 2.49 -1.82 6.84
C HIS A 5 2.49 -2.99 5.86
N THR A 6 3.33 -2.97 4.82
CA THR A 6 3.42 -4.09 3.89
C THR A 6 4.87 -4.62 3.85
N ARG A 7 5.05 -5.91 3.51
CA ARG A 7 6.38 -6.49 3.43
C ARG A 7 7.28 -5.96 2.28
N THR A 8 6.65 -5.39 1.22
CA THR A 8 7.36 -4.76 0.12
C THR A 8 7.97 -3.46 0.63
N ILE A 9 7.17 -2.57 1.25
CA ILE A 9 7.66 -1.31 1.83
C ILE A 9 8.74 -1.59 2.89
N GLU A 10 8.49 -2.58 3.76
CA GLU A 10 9.41 -2.98 4.84
C GLU A 10 10.76 -3.40 4.27
N SER A 11 10.77 -4.39 3.34
CA SER A 11 12.01 -4.87 2.72
C SER A 11 12.82 -3.71 2.09
N ILE A 12 12.13 -2.87 1.30
CA ILE A 12 12.71 -1.73 0.61
C ILE A 12 13.25 -0.63 1.54
N LEU A 13 12.43 -0.15 2.49
CA LEU A 13 12.75 0.99 3.36
C LEU A 13 13.32 0.82 4.75
N GLU A 14 12.94 -0.25 5.48
CA GLU A 14 13.38 -0.47 6.87
C GLU A 14 14.92 -0.53 7.06
N PRO A 15 15.72 -1.25 6.22
CA PRO A 15 17.19 -1.23 6.42
C PRO A 15 17.78 0.19 6.36
N VAL A 16 17.38 0.98 5.34
CA VAL A 16 17.85 2.36 5.16
C VAL A 16 17.28 3.32 6.22
N ALA A 17 16.00 3.13 6.63
CA ALA A 17 15.35 3.94 7.67
C ALA A 17 16.03 3.75 9.02
N GLN A 18 16.58 2.54 9.31
CA GLN A 18 17.31 2.23 10.53
C GLN A 18 18.70 2.91 10.53
N GLN A 19 19.41 2.89 9.39
CA GLN A 19 20.72 3.55 9.23
C GLN A 19 20.59 5.07 9.47
N ILE A 20 19.56 5.72 8.88
CA ILE A 20 19.28 7.16 9.01
C ILE A 20 19.04 7.52 10.46
N SER A 21 18.20 6.76 11.18
CA SER A 21 17.91 6.98 12.61
C SER A 21 19.21 6.95 13.41
N HIS A 22 20.04 5.93 13.16
CA HIS A 22 21.35 5.72 13.80
C HIS A 22 22.27 6.90 13.54
N LEU A 23 22.35 7.36 12.28
CA LEU A 23 23.14 8.50 11.82
C LEU A 23 22.75 9.79 12.56
N VAL A 24 21.43 9.99 12.81
CA VAL A 24 20.88 11.15 13.53
C VAL A 24 21.31 11.11 15.01
N ILE A 25 21.14 9.94 15.66
CA ILE A 25 21.54 9.70 17.05
C ILE A 25 23.05 9.95 17.22
N MET A 26 23.88 9.44 16.26
CA MET A 26 25.35 9.60 16.24
C MET A 26 25.77 11.07 16.14
N HIS A 27 25.10 11.83 15.26
CA HIS A 27 25.35 13.25 15.01
C HIS A 27 25.00 14.11 16.22
N GLU A 28 23.87 13.78 16.89
CA GLU A 28 23.37 14.47 18.08
C GLU A 28 24.39 14.42 19.23
N GLU A 29 24.79 13.20 19.65
CA GLU A 29 25.76 12.98 20.73
C GLU A 29 27.18 13.46 20.37
N GLY A 30 27.70 13.00 19.24
CA GLY A 30 29.03 13.35 18.75
C GLY A 30 29.12 14.76 18.21
N LYS A 35 37.13 13.04 13.42
CA LYS A 35 37.01 12.02 12.38
C LYS A 35 36.71 12.64 11.01
N ALA A 36 37.25 12.03 9.95
CA ALA A 36 37.04 12.49 8.57
C ALA A 36 36.11 11.54 7.81
N ILE A 37 35.13 12.10 7.06
CA ILE A 37 34.25 11.32 6.20
C ILE A 37 35.05 11.09 4.89
N PRO A 38 35.19 9.83 4.40
CA PRO A 38 35.96 9.61 3.17
C PRO A 38 35.26 10.18 1.92
N ASP A 39 35.94 10.15 0.76
CA ASP A 39 35.37 10.65 -0.51
C ASP A 39 34.09 9.90 -0.85
N LEU A 40 32.98 10.64 -0.97
CA LEU A 40 31.66 10.09 -1.25
C LEU A 40 31.26 10.26 -2.73
N THR A 41 32.20 10.64 -3.61
CA THR A 41 31.94 10.86 -5.04
C THR A 41 31.25 9.67 -5.74
N ALA A 42 31.88 8.46 -5.73
CA ALA A 42 31.36 7.24 -6.35
C ALA A 42 29.98 6.85 -5.78
N PRO A 43 29.77 6.67 -4.43
CA PRO A 43 28.42 6.32 -3.95
C PRO A 43 27.35 7.38 -4.17
N VAL A 44 27.70 8.70 -4.12
CA VAL A 44 26.72 9.76 -4.41
C VAL A 44 26.28 9.67 -5.88
N ALA A 45 27.23 9.45 -6.82
CA ALA A 45 26.92 9.28 -8.26
C ALA A 45 25.93 8.13 -8.44
N ALA A 46 26.11 7.02 -7.69
CA ALA A 46 25.19 5.88 -7.76
C ALA A 46 23.79 6.31 -7.29
N VAL A 47 23.71 7.18 -6.26
CA VAL A 47 22.41 7.72 -5.76
C VAL A 47 21.78 8.59 -6.86
N GLN A 48 22.60 9.45 -7.50
CA GLN A 48 22.17 10.35 -8.60
C GLN A 48 21.56 9.60 -9.78
N ALA A 49 22.25 8.54 -10.24
CA ALA A 49 21.85 7.67 -11.34
C ALA A 49 20.52 6.96 -10.98
N ALA A 50 20.35 6.48 -9.73
CA ALA A 50 19.07 5.86 -9.32
C ALA A 50 17.90 6.87 -9.26
N VAL A 51 18.14 8.06 -8.68
CA VAL A 51 17.15 9.15 -8.57
C VAL A 51 16.69 9.59 -9.97
N SER A 52 17.63 9.79 -10.90
CA SER A 52 17.34 10.22 -12.28
C SER A 52 16.41 9.25 -13.00
N ASN A 53 16.66 7.93 -12.85
CA ASN A 53 15.84 6.85 -13.39
C ASN A 53 14.45 6.88 -12.76
N LEU A 54 14.35 7.04 -11.43
CA LEU A 54 13.06 7.08 -10.70
C LEU A 54 12.18 8.25 -11.14
N VAL A 55 12.76 9.45 -11.23
CA VAL A 55 12.06 10.69 -11.65
C VAL A 55 11.57 10.59 -13.12
N ARG A 56 12.42 10.07 -14.06
CA ARG A 56 12.09 9.92 -15.50
C ARG A 56 10.92 8.97 -15.72
N VAL A 57 10.98 7.77 -15.11
CA VAL A 57 9.95 6.75 -15.17
C VAL A 57 8.68 7.28 -14.47
N GLY A 58 8.86 7.95 -13.33
CA GLY A 58 7.79 8.55 -12.55
C GLY A 58 7.01 9.61 -13.30
N LYS A 59 7.75 10.49 -14.04
CA LYS A 59 7.16 11.54 -14.87
C LYS A 59 6.35 10.94 -16.02
N GLU A 60 6.81 9.78 -16.57
CA GLU A 60 6.15 9.04 -17.65
C GLU A 60 4.85 8.45 -17.15
N THR A 61 4.83 7.96 -15.88
CA THR A 61 3.64 7.39 -15.24
C THR A 61 2.57 8.48 -15.05
N VAL A 62 2.99 9.65 -14.50
CA VAL A 62 2.16 10.84 -14.27
C VAL A 62 1.41 11.23 -15.56
N GLN A 63 2.12 11.31 -16.70
CA GLN A 63 1.54 11.67 -18.00
C GLN A 63 0.56 10.63 -18.56
N THR A 64 0.86 9.33 -18.41
CA THR A 64 0.02 8.25 -18.96
C THR A 64 -1.16 7.82 -18.13
N THR A 65 -1.03 7.82 -16.78
CA THR A 65 -2.09 7.34 -15.89
C THR A 65 -3.43 8.08 -15.99
N GLU A 66 -4.52 7.35 -15.68
CA GLU A 66 -5.87 7.88 -15.65
C GLU A 66 -6.29 8.17 -14.18
N ASP A 67 -5.51 7.62 -13.21
CA ASP A 67 -5.70 7.80 -11.76
C ASP A 67 -5.20 9.19 -11.35
N GLN A 68 -6.16 10.12 -11.15
CA GLN A 68 -5.97 11.54 -10.79
C GLN A 68 -5.28 11.75 -9.45
N ILE A 69 -5.37 10.77 -8.54
CA ILE A 69 -4.69 10.79 -7.24
C ILE A 69 -3.17 10.65 -7.46
N LEU A 70 -2.73 9.71 -8.34
CA LEU A 70 -1.32 9.52 -8.69
C LEU A 70 -0.77 10.81 -9.33
N LYS A 71 -1.53 11.41 -10.29
CA LYS A 71 -1.17 12.66 -10.98
C LYS A 71 -0.98 13.82 -10.01
N ARG A 72 -1.62 13.73 -8.83
CA ARG A 72 -1.62 14.71 -7.77
C ARG A 72 -0.56 14.43 -6.72
N ASP A 73 -0.48 13.19 -6.22
CA ASP A 73 0.45 12.86 -5.13
C ASP A 73 1.87 12.49 -5.55
N MET A 74 2.05 11.93 -6.77
CA MET A 74 3.38 11.56 -7.24
C MET A 74 4.31 12.77 -7.53
N PRO A 75 3.91 13.83 -8.31
CA PRO A 75 4.84 14.96 -8.53
C PRO A 75 5.50 15.64 -7.32
N PRO A 76 4.79 15.94 -6.18
CA PRO A 76 5.48 16.54 -5.04
C PRO A 76 6.56 15.64 -4.43
N ALA A 77 6.35 14.31 -4.47
CA ALA A 77 7.30 13.32 -3.97
C ALA A 77 8.57 13.29 -4.81
N PHE A 78 8.47 13.56 -6.13
CA PHE A 78 9.63 13.63 -7.03
C PHE A 78 10.47 14.82 -6.68
N ILE A 79 9.84 15.99 -6.47
CA ILE A 79 10.48 17.23 -6.06
C ILE A 79 11.27 16.96 -4.78
N LYS A 80 10.63 16.32 -3.77
CA LYS A 80 11.21 15.89 -2.49
C LYS A 80 12.51 15.07 -2.69
N VAL A 81 12.45 14.00 -3.51
CA VAL A 81 13.61 13.12 -3.79
C VAL A 81 14.70 13.86 -4.58
N GLU A 82 14.30 14.74 -5.55
CA GLU A 82 15.22 15.53 -6.36
C GLU A 82 15.98 16.53 -5.51
N ASN A 83 15.26 17.30 -4.68
CA ASN A 83 15.86 18.31 -3.81
C ASN A 83 16.81 17.69 -2.79
N ALA A 84 16.42 16.54 -2.21
CA ALA A 84 17.21 15.80 -1.22
C ALA A 84 18.49 15.30 -1.87
N CYS A 85 18.42 14.84 -3.13
CA CYS A 85 19.58 14.38 -3.91
C CYS A 85 20.53 15.56 -4.16
N THR A 86 19.99 16.77 -4.44
CA THR A 86 20.78 17.98 -4.64
C THR A 86 21.62 18.28 -3.37
N LYS A 87 21.00 18.16 -2.17
CA LYS A 87 21.66 18.34 -0.87
C LYS A 87 22.77 17.29 -0.69
N LEU A 88 22.56 16.04 -1.16
CA LEU A 88 23.57 14.98 -1.10
C LEU A 88 24.77 15.26 -2.00
N VAL A 89 24.53 15.78 -3.23
CA VAL A 89 25.55 16.15 -4.22
C VAL A 89 26.37 17.31 -3.68
N GLN A 90 25.74 18.23 -2.93
CA GLN A 90 26.44 19.36 -2.29
C GLN A 90 27.36 18.88 -1.16
N ALA A 91 26.90 17.95 -0.32
CA ALA A 91 27.68 17.35 0.79
C ALA A 91 28.93 16.63 0.29
N ALA A 92 28.85 15.90 -0.85
CA ALA A 92 29.98 15.18 -1.44
C ALA A 92 31.01 16.13 -2.02
N GLN A 93 30.54 17.25 -2.60
CA GLN A 93 31.38 18.31 -3.17
C GLN A 93 32.08 19.06 -2.03
N MET A 94 31.40 19.21 -0.87
CA MET A 94 31.96 19.85 0.33
C MET A 94 33.06 19.00 0.96
N LEU A 95 32.77 17.69 1.17
CA LEU A 95 33.71 16.72 1.76
C LEU A 95 34.97 16.44 0.95
N GLN A 96 34.88 16.61 -0.39
CA GLN A 96 36.00 16.43 -1.32
C GLN A 96 37.02 17.55 -1.08
N SER A 97 36.51 18.76 -0.75
CA SER A 97 37.28 19.97 -0.44
C SER A 97 37.69 19.99 1.03
N ASP A 98 36.80 19.50 1.93
CA ASP A 98 37.03 19.46 3.38
C ASP A 98 36.42 18.18 3.98
N PRO A 99 37.25 17.17 4.35
CA PRO A 99 36.67 15.92 4.92
C PRO A 99 36.09 16.04 6.33
N TYR A 100 36.37 17.16 7.01
CA TYR A 100 35.94 17.46 8.38
C TYR A 100 34.80 18.49 8.42
N SER A 101 34.29 18.90 7.24
CA SER A 101 33.21 19.89 7.05
C SER A 101 31.95 19.59 7.86
N VAL A 102 31.45 20.63 8.55
CA VAL A 102 30.27 20.59 9.42
C VAL A 102 28.91 20.66 8.66
N PRO A 103 28.67 21.60 7.67
CA PRO A 103 27.36 21.62 6.99
C PRO A 103 27.15 20.39 6.13
N ALA A 104 28.26 19.77 5.66
CA ALA A 104 28.25 18.54 4.86
C ALA A 104 27.57 17.40 5.63
N ARG A 105 27.88 17.26 6.94
CA ARG A 105 27.30 16.25 7.83
C ARG A 105 25.79 16.50 8.04
N ASP A 106 25.37 17.77 8.01
CA ASP A 106 23.96 18.17 8.14
C ASP A 106 23.23 17.93 6.80
N TYR A 107 23.89 18.27 5.67
CA TYR A 107 23.39 18.09 4.30
C TYR A 107 23.21 16.61 3.95
N LEU A 108 24.01 15.73 4.59
CA LEU A 108 23.94 14.28 4.42
C LEU A 108 22.71 13.78 5.14
N ILE A 109 22.50 14.24 6.40
CA ILE A 109 21.33 13.91 7.22
C ILE A 109 20.05 14.40 6.52
N ASP A 110 20.05 15.68 6.08
CA ASP A 110 18.91 16.30 5.40
C ASP A 110 18.57 15.64 4.05
N GLY A 111 19.62 15.26 3.31
CA GLY A 111 19.50 14.57 2.03
C GLY A 111 18.98 13.16 2.19
N SER A 112 19.49 12.45 3.22
CA SER A 112 19.05 11.07 3.54
C SER A 112 17.58 11.05 3.96
N ARG A 113 17.21 11.95 4.91
CA ARG A 113 15.84 12.10 5.41
C ARG A 113 14.83 12.39 4.29
N GLY A 114 15.19 13.33 3.41
CA GLY A 114 14.35 13.73 2.29
C GLY A 114 14.14 12.64 1.25
N ILE A 115 15.21 11.87 0.92
CA ILE A 115 15.09 10.77 -0.03
C ILE A 115 14.18 9.69 0.56
N LEU A 116 14.41 9.30 1.83
CA LEU A 116 13.57 8.34 2.52
C LEU A 116 12.13 8.85 2.61
N SER A 117 11.94 10.15 2.89
CA SER A 117 10.61 10.78 2.99
C SER A 117 9.84 10.70 1.68
N GLY A 118 10.54 10.98 0.58
CA GLY A 118 9.97 10.99 -0.75
C GLY A 118 9.71 9.61 -1.32
N THR A 119 10.61 8.63 -1.03
CA THR A 119 10.43 7.25 -1.49
C THR A 119 9.30 6.58 -0.69
N SER A 120 9.13 6.98 0.58
CA SER A 120 8.06 6.53 1.48
C SER A 120 6.72 7.02 0.91
N ASP A 121 6.64 8.31 0.55
CA ASP A 121 5.44 8.91 -0.05
C ASP A 121 5.08 8.17 -1.32
N LEU A 122 6.09 7.90 -2.18
CA LEU A 122 5.85 7.19 -3.43
C LEU A 122 5.27 5.81 -3.19
N LEU A 123 5.92 5.03 -2.29
CA LEU A 123 5.49 3.67 -1.97
C LEU A 123 4.10 3.60 -1.33
N LEU A 124 3.78 4.55 -0.44
CA LEU A 124 2.47 4.65 0.21
C LEU A 124 1.38 5.02 -0.82
N THR A 125 1.70 5.94 -1.74
CA THR A 125 0.82 6.33 -2.83
C THR A 125 0.50 5.12 -3.72
N PHE A 126 1.52 4.30 -4.05
CA PHE A 126 1.31 3.11 -4.89
C PHE A 126 0.45 2.08 -4.16
N ASP A 127 0.61 1.99 -2.83
CA ASP A 127 -0.16 1.07 -2.00
C ASP A 127 -1.61 1.51 -1.86
N GLU A 128 -1.89 2.81 -1.60
CA GLU A 128 -3.25 3.36 -1.52
C GLU A 128 -4.01 3.05 -2.85
N ALA A 129 -3.30 3.15 -4.00
CA ALA A 129 -3.82 2.87 -5.33
C ALA A 129 -4.22 1.41 -5.48
N GLU A 130 -3.37 0.47 -4.96
CA GLU A 130 -3.68 -0.97 -5.01
C GLU A 130 -4.86 -1.29 -4.10
N VAL A 131 -4.94 -0.62 -2.94
CA VAL A 131 -6.03 -0.78 -1.99
C VAL A 131 -7.34 -0.26 -2.60
N ARG A 132 -7.29 0.87 -3.36
CA ARG A 132 -8.48 1.41 -4.05
C ARG A 132 -9.08 0.39 -5.00
N LYS A 133 -8.24 -0.39 -5.71
CA LYS A 133 -8.61 -1.48 -6.64
C LYS A 133 -9.35 -2.58 -5.90
N ILE A 134 -8.87 -2.95 -4.68
CA ILE A 134 -9.53 -4.01 -3.89
C ILE A 134 -10.89 -3.48 -3.40
N ILE A 135 -10.92 -2.21 -2.92
CA ILE A 135 -12.13 -1.56 -2.42
C ILE A 135 -13.26 -1.55 -3.47
N ARG A 136 -12.90 -1.29 -4.74
CA ARG A 136 -13.84 -1.27 -5.86
C ARG A 136 -14.50 -2.65 -6.02
N VAL A 137 -13.71 -3.74 -5.88
CA VAL A 137 -14.23 -5.12 -5.98
C VAL A 137 -15.17 -5.37 -4.78
N CYS A 138 -14.79 -4.90 -3.56
CA CYS A 138 -15.59 -5.05 -2.33
C CYS A 138 -16.92 -4.33 -2.46
N LYS A 139 -16.91 -3.09 -2.97
CA LYS A 139 -18.10 -2.27 -3.19
C LYS A 139 -19.01 -2.90 -4.23
N GLY A 140 -18.40 -3.55 -5.22
CA GLY A 140 -19.14 -4.26 -6.25
C GLY A 140 -20.01 -5.33 -5.61
N ILE A 141 -19.44 -6.11 -4.65
CA ILE A 141 -20.12 -7.19 -3.93
C ILE A 141 -21.20 -6.62 -3.05
N LEU A 142 -20.90 -5.52 -2.36
CA LEU A 142 -21.85 -4.84 -1.48
C LEU A 142 -23.09 -4.46 -2.22
N GLU A 143 -22.90 -3.90 -3.42
CA GLU A 143 -23.98 -3.46 -4.28
C GLU A 143 -24.77 -4.65 -4.79
N TYR A 144 -24.08 -5.75 -5.12
CA TYR A 144 -24.78 -6.96 -5.56
C TYR A 144 -25.56 -7.62 -4.44
N LEU A 145 -25.11 -7.47 -3.18
CA LEU A 145 -25.88 -7.99 -2.07
C LEU A 145 -27.22 -7.24 -1.94
N THR A 146 -27.24 -5.91 -2.27
CA THR A 146 -28.48 -5.12 -2.23
C THR A 146 -29.52 -5.57 -3.28
N VAL A 147 -29.06 -6.24 -4.36
CA VAL A 147 -29.92 -6.77 -5.44
C VAL A 147 -30.71 -8.00 -4.95
N ALA A 148 -30.19 -8.73 -3.95
CA ALA A 148 -30.84 -9.95 -3.46
C ALA A 148 -32.33 -9.78 -3.19
N GLU A 149 -32.70 -8.61 -2.65
CA GLU A 149 -34.08 -8.34 -2.28
C GLU A 149 -35.07 -8.17 -3.45
N VAL A 150 -34.59 -8.09 -4.69
CA VAL A 150 -35.48 -7.97 -5.85
C VAL A 150 -35.61 -9.30 -6.62
N VAL A 151 -34.94 -10.37 -6.15
CA VAL A 151 -35.00 -11.71 -6.76
C VAL A 151 -36.32 -12.36 -6.30
N GLU A 152 -37.23 -12.59 -7.27
CA GLU A 152 -38.59 -13.11 -7.06
C GLU A 152 -38.81 -14.50 -7.69
N THR A 153 -38.09 -14.78 -8.81
CA THR A 153 -38.22 -16.02 -9.56
C THR A 153 -36.94 -16.87 -9.59
N MET A 154 -37.07 -18.17 -10.00
CA MET A 154 -35.94 -19.09 -10.12
C MET A 154 -34.99 -18.67 -11.24
N GLU A 155 -35.51 -18.03 -12.32
CA GLU A 155 -34.68 -17.52 -13.44
C GLU A 155 -33.72 -16.47 -12.91
N ASP A 156 -34.23 -15.54 -12.08
CA ASP A 156 -33.47 -14.45 -11.47
C ASP A 156 -32.46 -15.04 -10.49
N LEU A 157 -32.88 -16.04 -9.68
CA LEU A 157 -31.96 -16.68 -8.73
C LEU A 157 -30.76 -17.30 -9.45
N VAL A 158 -30.99 -17.98 -10.58
CA VAL A 158 -29.92 -18.60 -11.36
C VAL A 158 -28.96 -17.51 -11.88
N THR A 159 -29.51 -16.42 -12.44
CA THR A 159 -28.72 -15.28 -12.94
C THR A 159 -27.90 -14.66 -11.79
N TYR A 160 -28.54 -14.42 -10.62
CA TYR A 160 -27.93 -13.85 -9.43
C TYR A 160 -26.77 -14.73 -8.93
N THR A 161 -27.01 -16.05 -8.79
CA THR A 161 -26.01 -17.03 -8.34
C THR A 161 -24.80 -17.09 -9.27
N LYS A 162 -25.03 -17.04 -10.59
CA LYS A 162 -23.97 -17.09 -11.61
C LYS A 162 -23.10 -15.84 -11.57
N ASN A 163 -23.67 -14.72 -11.14
CA ASN A 163 -22.94 -13.46 -11.04
C ASN A 163 -22.15 -13.37 -9.72
N LEU A 164 -22.84 -13.56 -8.58
CA LEU A 164 -22.28 -13.47 -7.22
C LEU A 164 -21.20 -14.52 -6.93
N GLY A 165 -21.39 -15.75 -7.41
CA GLY A 165 -20.43 -16.84 -7.22
C GLY A 165 -19.02 -16.46 -7.66
N PRO A 166 -18.80 -16.12 -8.96
CA PRO A 166 -17.46 -15.70 -9.40
C PRO A 166 -16.95 -14.41 -8.78
N GLY A 167 -17.86 -13.47 -8.52
CA GLY A 167 -17.52 -12.20 -7.88
C GLY A 167 -16.92 -12.42 -6.51
N MET A 168 -17.52 -13.34 -5.74
CA MET A 168 -17.05 -13.68 -4.39
C MET A 168 -15.68 -14.36 -4.45
N THR A 169 -15.44 -15.24 -5.46
CA THR A 169 -14.16 -15.94 -5.66
C THR A 169 -13.02 -14.93 -5.92
N LYS A 170 -13.27 -13.94 -6.76
CA LYS A 170 -12.30 -12.87 -7.09
C LYS A 170 -11.99 -12.02 -5.85
N MET A 171 -13.02 -11.66 -5.07
CA MET A 171 -12.83 -10.89 -3.84
C MET A 171 -12.05 -11.75 -2.84
N ALA A 172 -12.43 -13.03 -2.66
CA ALA A 172 -11.72 -13.92 -1.72
C ALA A 172 -10.25 -14.05 -2.08
N LYS A 173 -9.92 -14.12 -3.39
CA LYS A 173 -8.54 -14.23 -3.88
C LYS A 173 -7.76 -12.93 -3.64
N MET A 174 -8.40 -11.77 -3.83
CA MET A 174 -7.76 -10.47 -3.62
C MET A 174 -7.41 -10.25 -2.15
N ILE A 175 -8.30 -10.70 -1.23
CA ILE A 175 -8.11 -10.54 0.22
C ILE A 175 -7.04 -11.48 0.67
N ASP A 176 -7.10 -12.76 0.24
CA ASP A 176 -6.08 -13.75 0.61
C ASP A 176 -4.68 -13.25 0.21
N GLU A 177 -4.54 -12.71 -1.00
CA GLU A 177 -3.26 -12.16 -1.47
C GLU A 177 -2.87 -10.86 -0.80
N ARG A 178 -3.85 -10.02 -0.38
CA ARG A 178 -3.51 -8.79 0.33
C ARG A 178 -3.04 -9.08 1.75
N GLN A 179 -3.71 -10.01 2.47
CA GLN A 179 -3.32 -10.30 3.85
C GLN A 179 -1.91 -10.91 3.99
N GLN A 180 -1.48 -11.74 3.02
CA GLN A 180 -0.14 -12.34 2.99
C GLN A 180 0.93 -11.23 2.97
N GLU A 181 0.62 -10.12 2.27
CA GLU A 181 1.50 -8.98 2.08
C GLU A 181 1.61 -8.09 3.30
N LEU A 182 0.68 -8.18 4.27
CA LEU A 182 0.70 -7.30 5.43
C LEU A 182 1.62 -7.74 6.54
N THR A 183 2.25 -6.76 7.21
CA THR A 183 3.20 -7.04 8.31
C THR A 183 2.51 -7.16 9.68
N HIS A 184 1.48 -6.34 9.94
N HIS A 184 1.46 -6.36 9.91
CA HIS A 184 0.76 -6.39 11.21
CA HIS A 184 0.70 -6.35 11.16
C HIS A 184 -0.26 -7.53 11.22
C HIS A 184 -0.28 -7.52 11.22
N GLN A 185 -0.07 -8.45 12.18
CA GLN A 185 -0.90 -9.64 12.39
C GLN A 185 -2.35 -9.38 12.73
N GLU A 186 -2.62 -8.38 13.58
CA GLU A 186 -3.97 -7.98 13.98
C GLU A 186 -4.83 -7.64 12.74
N HIS A 187 -4.23 -6.97 11.74
CA HIS A 187 -4.90 -6.60 10.49
C HIS A 187 -5.17 -7.83 9.64
N ARG A 188 -4.19 -8.77 9.55
CA ARG A 188 -4.34 -10.01 8.77
C ARG A 188 -5.49 -10.84 9.36
N VAL A 189 -5.53 -11.01 10.69
CA VAL A 189 -6.57 -11.78 11.38
C VAL A 189 -7.95 -11.22 11.06
N MET A 190 -8.11 -9.89 11.16
CA MET A 190 -9.39 -9.25 10.88
C MET A 190 -9.83 -9.43 9.43
N LEU A 191 -8.88 -9.38 8.47
CA LEU A 191 -9.21 -9.61 7.07
C LEU A 191 -9.66 -11.05 6.84
N VAL A 192 -8.88 -12.05 7.33
CA VAL A 192 -9.13 -13.49 7.21
C VAL A 192 -10.49 -13.85 7.84
N ASN A 193 -10.73 -13.41 9.09
CA ASN A 193 -11.96 -13.67 9.84
C ASN A 193 -13.18 -13.19 9.09
N SER A 194 -13.15 -11.93 8.64
CA SER A 194 -14.27 -11.30 7.92
C SER A 194 -14.52 -11.99 6.59
N MET A 195 -13.47 -12.31 5.85
CA MET A 195 -13.56 -12.98 4.56
C MET A 195 -14.16 -14.37 4.71
N ASN A 196 -13.75 -15.13 5.75
CA ASN A 196 -14.28 -16.46 6.04
C ASN A 196 -15.78 -16.42 6.31
N THR A 197 -16.23 -15.46 7.11
CA THR A 197 -17.66 -15.29 7.44
C THR A 197 -18.45 -15.05 6.14
N VAL A 198 -17.98 -14.14 5.28
CA VAL A 198 -18.62 -13.81 4.00
C VAL A 198 -18.77 -15.06 3.11
N LYS A 199 -17.69 -15.81 2.90
CA LYS A 199 -17.67 -17.08 2.13
C LYS A 199 -18.63 -18.10 2.76
N GLU A 200 -18.62 -18.21 4.09
CA GLU A 200 -19.48 -19.17 4.78
C GLU A 200 -20.96 -18.82 4.67
N LEU A 201 -21.28 -17.53 4.70
CA LEU A 201 -22.66 -17.06 4.63
C LEU A 201 -23.25 -17.01 3.23
N LEU A 202 -22.39 -17.08 2.18
CA LEU A 202 -22.88 -17.04 0.78
C LEU A 202 -23.84 -18.20 0.46
N PRO A 203 -23.48 -19.51 0.66
CA PRO A 203 -24.49 -20.58 0.39
C PRO A 203 -25.75 -20.45 1.24
N VAL A 204 -25.61 -19.92 2.47
CA VAL A 204 -26.74 -19.67 3.39
C VAL A 204 -27.63 -18.61 2.76
N LEU A 205 -27.06 -17.59 2.09
CA LEU A 205 -27.88 -16.56 1.42
C LEU A 205 -28.65 -17.18 0.25
N ILE A 206 -27.94 -17.94 -0.62
CA ILE A 206 -28.58 -18.60 -1.77
C ILE A 206 -29.74 -19.51 -1.33
N SER A 207 -29.58 -20.20 -0.18
CA SER A 207 -30.61 -21.09 0.36
C SER A 207 -31.81 -20.34 0.87
N ALA A 208 -31.57 -19.18 1.52
CA ALA A 208 -32.62 -18.31 2.05
C ALA A 208 -33.43 -17.71 0.92
N MET A 209 -32.77 -17.38 -0.19
CA MET A 209 -33.41 -16.81 -1.38
C MET A 209 -34.21 -17.86 -2.13
N LYS A 210 -33.78 -19.14 -2.05
CA LYS A 210 -34.49 -20.22 -2.73
C LYS A 210 -35.86 -20.41 -2.05
N ILE A 211 -35.89 -20.37 -0.70
CA ILE A 211 -37.09 -20.49 0.13
C ILE A 211 -38.03 -19.30 -0.20
N PHE A 212 -37.48 -18.07 -0.34
CA PHE A 212 -38.25 -16.89 -0.71
C PHE A 212 -38.89 -17.03 -2.09
N VAL A 213 -38.16 -17.58 -3.05
CA VAL A 213 -38.67 -17.82 -4.40
C VAL A 213 -39.78 -18.91 -4.37
N THR A 214 -39.69 -19.83 -3.39
CA THR A 214 -40.64 -20.92 -3.17
C THR A 214 -41.95 -20.46 -2.47
N THR A 215 -41.84 -19.57 -1.44
CA THR A 215 -42.99 -19.02 -0.71
C THR A 215 -43.67 -17.90 -1.50
N GLN A 221 -47.47 -14.15 5.43
CA GLN A 221 -47.14 -14.79 6.70
C GLN A 221 -45.88 -15.66 6.58
N GLY A 222 -45.91 -16.64 5.67
CA GLY A 222 -44.79 -17.53 5.38
C GLY A 222 -43.67 -16.81 4.67
N ILE A 223 -44.04 -15.78 3.88
CA ILE A 223 -43.14 -14.92 3.13
C ILE A 223 -42.29 -14.05 4.07
N GLU A 224 -42.89 -13.52 5.17
CA GLU A 224 -42.27 -12.67 6.18
C GLU A 224 -41.09 -13.31 6.90
N GLU A 225 -41.10 -14.65 7.05
CA GLU A 225 -40.04 -15.42 7.69
C GLU A 225 -38.84 -15.64 6.75
N ALA A 226 -39.10 -16.08 5.49
CA ALA A 226 -38.07 -16.33 4.46
C ALA A 226 -37.36 -15.03 4.08
N LEU A 227 -38.11 -13.91 4.08
CA LEU A 227 -37.63 -12.56 3.80
C LEU A 227 -36.72 -12.11 4.94
N LYS A 228 -37.12 -12.37 6.21
CA LYS A 228 -36.35 -11.97 7.39
C LYS A 228 -34.97 -12.61 7.42
N ASN A 229 -34.90 -13.90 7.06
CA ASN A 229 -33.66 -14.67 7.04
C ASN A 229 -32.75 -14.27 5.91
N ARG A 230 -33.30 -13.92 4.76
CA ARG A 230 -32.55 -13.48 3.61
C ARG A 230 -31.98 -12.09 3.94
N ASN A 231 -32.80 -11.18 4.50
CA ASN A 231 -32.38 -9.84 4.90
C ASN A 231 -31.32 -9.88 6.01
N PHE A 232 -31.41 -10.86 6.92
CA PHE A 232 -30.47 -11.06 8.04
C PHE A 232 -29.09 -11.41 7.49
N THR A 233 -29.03 -12.37 6.54
CA THR A 233 -27.80 -12.85 5.90
C THR A 233 -27.11 -11.75 5.14
N VAL A 234 -27.89 -10.95 4.38
CA VAL A 234 -27.36 -9.81 3.60
C VAL A 234 -26.73 -8.81 4.56
N GLU A 235 -27.42 -8.50 5.67
CA GLU A 235 -26.98 -7.60 6.73
C GLU A 235 -25.64 -8.06 7.36
N LYS A 236 -25.55 -9.35 7.74
CA LYS A 236 -24.32 -9.93 8.32
C LYS A 236 -23.20 -9.94 7.29
N MET A 237 -23.48 -10.29 6.04
CA MET A 237 -22.45 -10.29 4.99
C MET A 237 -21.99 -8.88 4.69
N SER A 238 -22.92 -7.91 4.60
CA SER A 238 -22.60 -6.50 4.34
C SER A 238 -21.74 -5.88 5.42
N ALA A 239 -22.00 -6.21 6.72
CA ALA A 239 -21.22 -5.69 7.85
C ALA A 239 -19.76 -6.19 7.79
N GLU A 240 -19.55 -7.43 7.36
CA GLU A 240 -18.21 -8.00 7.25
C GLU A 240 -17.49 -7.35 6.10
N ILE A 241 -18.17 -7.14 4.97
CA ILE A 241 -17.56 -6.47 3.82
C ILE A 241 -17.13 -5.03 4.17
N ASN A 242 -17.99 -4.28 4.86
CA ASN A 242 -17.67 -2.92 5.29
C ASN A 242 -16.50 -2.91 6.29
N GLU A 243 -16.35 -4.00 7.07
CA GLU A 243 -15.22 -4.13 7.99
C GLU A 243 -13.92 -4.37 7.18
N ILE A 244 -14.02 -5.12 6.06
CA ILE A 244 -12.87 -5.41 5.20
C ILE A 244 -12.41 -4.10 4.58
N ILE A 245 -13.35 -3.30 4.02
CA ILE A 245 -13.03 -1.98 3.43
C ILE A 245 -12.30 -1.11 4.47
N ARG A 246 -12.73 -1.14 5.75
CA ARG A 246 -12.11 -0.37 6.82
C ARG A 246 -10.69 -0.85 7.15
N VAL A 247 -10.48 -2.19 7.26
CA VAL A 247 -9.20 -2.80 7.63
C VAL A 247 -8.17 -2.66 6.51
N LEU A 248 -8.62 -2.72 5.26
CA LEU A 248 -7.73 -2.60 4.09
C LEU A 248 -7.00 -1.24 4.02
N GLN A 249 -7.64 -0.18 4.56
CA GLN A 249 -7.15 1.20 4.59
C GLN A 249 -6.22 1.53 5.77
N LEU A 250 -6.00 0.58 6.71
CA LEU A 250 -5.14 0.78 7.88
C LEU A 250 -3.65 0.62 7.53
N THR A 251 -2.82 1.60 7.98
CA THR A 251 -1.35 1.63 7.75
C THR A 251 -0.57 1.56 9.09
N SER A 252 -1.24 1.86 10.21
CA SER A 252 -0.75 1.81 11.60
C SER A 252 -1.92 1.15 12.43
N TRP A 253 -1.63 0.74 13.67
N TRP A 253 -1.77 0.69 13.69
CA TRP A 253 -2.52 0.01 14.55
CA TRP A 253 -0.67 0.66 14.69
C TRP A 253 -2.65 0.71 15.91
C TRP A 253 -0.25 -0.80 14.93
N ASP A 254 -1.24 -1.68 15.28
CA ASP A 254 -1.06 -3.09 15.63
C ASP A 254 -0.70 -4.00 14.48
N VAL B 4 7.07 -4.87 -10.68
CA VAL B 4 6.54 -3.51 -10.88
C VAL B 4 7.71 -2.55 -11.02
N VAL B 5 7.82 -1.87 -12.17
CA VAL B 5 8.91 -0.95 -12.51
C VAL B 5 9.12 0.24 -11.62
N LEU B 6 8.04 0.90 -11.19
CA LEU B 6 8.19 2.05 -10.29
C LEU B 6 8.72 1.65 -8.94
N ILE B 7 8.21 0.54 -8.39
CA ILE B 7 8.61 -0.05 -7.10
C ILE B 7 10.07 -0.47 -7.18
N ASN B 8 10.50 -1.04 -8.32
CA ASN B 8 11.89 -1.46 -8.54
C ASN B 8 12.84 -0.27 -8.61
N ALA B 9 12.39 0.83 -9.24
CA ALA B 9 13.16 2.06 -9.34
C ALA B 9 13.30 2.68 -7.94
N VAL B 10 12.27 2.54 -7.07
CA VAL B 10 12.33 3.04 -5.69
C VAL B 10 13.37 2.20 -4.90
N LYS B 11 13.39 0.88 -5.16
CA LYS B 11 14.30 -0.09 -4.53
C LYS B 11 15.74 0.26 -4.86
N ASP B 12 16.02 0.62 -6.14
CA ASP B 12 17.37 1.00 -6.59
C ASP B 12 17.84 2.24 -5.83
N VAL B 13 16.92 3.22 -5.60
CA VAL B 13 17.21 4.47 -4.87
C VAL B 13 17.59 4.14 -3.41
N ALA B 14 16.78 3.33 -2.73
CA ALA B 14 17.02 2.92 -1.34
C ALA B 14 18.34 2.16 -1.15
N LYS B 15 18.66 1.27 -2.11
CA LYS B 15 19.87 0.44 -2.11
C LYS B 15 21.10 1.33 -2.25
N ALA B 16 21.03 2.33 -3.15
CA ALA B 16 22.12 3.27 -3.40
C ALA B 16 22.32 4.16 -2.21
N LEU B 17 21.22 4.59 -1.54
CA LEU B 17 21.30 5.45 -0.34
C LEU B 17 21.94 4.69 0.84
N GLY B 18 21.57 3.42 1.00
CA GLY B 18 22.12 2.52 1.99
C GLY B 18 23.62 2.40 1.79
N ASP B 19 24.07 2.25 0.53
CA ASP B 19 25.50 2.15 0.18
C ASP B 19 26.22 3.45 0.52
N LEU B 20 25.56 4.60 0.30
CA LEU B 20 26.15 5.91 0.62
C LEU B 20 26.39 6.06 2.12
N ILE B 21 25.36 5.78 2.93
CA ILE B 21 25.42 5.89 4.39
C ILE B 21 26.51 4.99 4.99
N SER B 22 26.63 3.74 4.50
CA SER B 22 27.67 2.83 5.00
C SER B 22 29.09 3.31 4.58
N ALA B 23 29.19 4.06 3.46
CA ALA B 23 30.45 4.63 2.97
C ALA B 23 30.91 5.80 3.85
N THR B 24 29.97 6.46 4.59
CA THR B 24 30.29 7.61 5.45
C THR B 24 31.16 7.25 6.66
N LYS B 25 30.92 6.09 7.29
CA LYS B 25 31.70 5.63 8.46
C LYS B 25 32.16 4.19 8.30
#